data_5ZME
#
_entry.id   5ZME
#
_cell.length_a   91.035
_cell.length_b   91.035
_cell.length_c   307.510
_cell.angle_alpha   90.00
_cell.angle_beta   90.00
_cell.angle_gamma   90.00
#
_symmetry.space_group_name_H-M   'P 41 21 2'
#
loop_
_entity.id
_entity.type
_entity.pdbx_description
1 polymer 'ATPase ARSA1'
2 non-polymer 'PHOSPHATE ION'
#
_entity_poly.entity_id   1
_entity_poly.type   'polypeptide(L)'
_entity_poly.pdbx_seq_one_letter_code
;GVFEELAAGQQRKYI(MSE)ISGKGGVGKTSLSASLAVKLAAAGHTTLVVSTDPAHSLSDSLAQDVSGGRPVLLQGTDLP
LWGLEIDPEEAKREFFEGSGAGQDGEAGGPSAASQVSDF(MSE)NR(MSE)G(MSE)GFVIDQLKELKLGELLNTPPPGL
DEAVAIAKVVQFVQAAEYARFSRIVFDTAPTGHTLRLLALPDFVDASLAKVIRLRKKLNGATSVVRGLFGAGESQDEAVE
KLELLQQRVR(MSE)VKALFRDKTQTEFIIATIPTYLGVNESSRLLQALRAEQIPCKRIIVNQIVGPQQGDAYLR(MSE)
K(MSE)KDQIAALE(MSE)VANDPGLRPLRKVIAP(MSE)VDVEVRGVPALSYFGNVVWKDVYDQ(MSE)NQGADRKFFL
LGGKGGVGKTSCSSSLAVHFANDGLPTLVVSTDPAHSLSDAFDQDLSGGSPVKITSPLGDELPLWGLQLDPEQAKAELRA
VLADDGGKKLNETLDGLGLGVISDQLKDLQLGELLDTPPPGVDEAIAIAKVVQFLKAPEYSHFKRIVFDTAPTGHTLRLL
SLPDFLDASIGKLVRLRQKLSAATSAVKNLFSGGQPGEEDVAVKRLEALQAS(MSE)EDAKA(MSE)FRNQQTTEFIIVT
IPTV(MSE)ATAESCRLASALQHEGIPLKTIIVNQVVQANATDKFLTARRADQARALHHLEEDTGPDGLASLQLIKAPLC
DLEVRGVPALSYFGNVVWK
;
_entity_poly.pdbx_strand_id   A
#
# COMPACT_ATOMS: atom_id res chain seq x y z
N GLY A 1 17.13 30.87 -10.38
CA GLY A 1 15.84 30.71 -9.74
C GLY A 1 15.44 29.27 -9.51
N VAL A 2 14.45 29.09 -8.62
CA VAL A 2 13.97 27.75 -8.26
C VAL A 2 13.29 27.11 -9.46
N PHE A 3 12.41 27.86 -10.12
CA PHE A 3 11.64 27.39 -11.27
C PHE A 3 12.45 27.49 -12.56
N GLU A 4 13.19 28.58 -12.71
CA GLU A 4 13.95 28.83 -13.94
C GLU A 4 14.80 27.63 -14.34
N GLU A 5 15.35 26.91 -13.36
CA GLU A 5 16.16 25.74 -13.68
C GLU A 5 15.31 24.61 -14.25
N LEU A 6 14.06 24.49 -13.83
CA LEU A 6 13.20 23.44 -14.35
C LEU A 6 12.69 23.69 -15.76
N ALA A 7 12.91 24.90 -16.30
CA ALA A 7 12.43 25.27 -17.63
C ALA A 7 13.56 25.79 -18.50
N ALA A 8 14.79 25.32 -18.26
CA ALA A 8 15.96 25.97 -18.84
C ALA A 8 16.09 25.66 -20.32
N GLY A 9 16.27 24.40 -20.68
CA GLY A 9 16.53 24.02 -22.04
C GLY A 9 15.31 23.50 -22.76
N GLN A 10 15.41 23.47 -24.09
CA GLN A 10 14.45 22.75 -24.92
C GLN A 10 14.73 21.25 -24.91
N GLN A 11 15.82 20.84 -24.27
CA GLN A 11 16.18 19.43 -24.08
C GLN A 11 15.15 18.76 -23.16
N ARG A 12 14.38 17.84 -23.71
CA ARG A 12 13.28 17.19 -23.01
C ARG A 12 13.71 16.67 -21.64
N LYS A 13 13.09 17.20 -20.58
CA LYS A 13 13.36 16.77 -19.21
C LYS A 13 12.07 16.25 -18.59
N TYR A 14 12.14 15.03 -18.04
CA TYR A 14 11.01 14.41 -17.38
C TYR A 14 11.03 14.76 -15.89
N ILE A 15 10.00 15.46 -15.42
CA ILE A 15 9.87 15.75 -14.01
C ILE A 15 9.10 14.62 -13.34
N ILE A 17 7.50 13.47 -9.52
CA ILE A 17 7.11 14.00 -8.22
C ILE A 17 6.63 12.80 -7.40
N SER A 18 7.40 12.45 -6.37
CA SER A 18 7.10 11.28 -5.56
C SER A 18 7.00 11.68 -4.11
N GLY A 19 6.07 11.03 -3.41
CA GLY A 19 5.76 11.29 -2.02
C GLY A 19 4.72 10.30 -1.55
N LYS A 20 3.93 10.68 -0.54
CA LYS A 20 2.96 9.74 0.02
C LYS A 20 1.94 10.48 0.87
N GLY A 21 0.67 10.08 0.73
CA GLY A 21 -0.35 10.43 1.70
C GLY A 21 -1.11 11.72 1.51
N GLY A 22 -1.63 11.96 0.30
CA GLY A 22 -2.48 13.11 0.07
C GLY A 22 -1.87 14.44 0.46
N VAL A 23 -0.63 14.67 0.01
CA VAL A 23 0.12 15.87 0.35
C VAL A 23 -0.28 16.99 -0.60
N GLY A 24 -1.36 16.78 -1.36
CA GLY A 24 -1.62 17.63 -2.50
C GLY A 24 -0.65 17.39 -3.62
N LYS A 25 0.04 16.25 -3.60
CA LYS A 25 1.01 15.93 -4.65
C LYS A 25 0.42 16.11 -6.04
N THR A 26 -0.85 15.73 -6.20
CA THR A 26 -1.54 15.97 -7.46
C THR A 26 -1.64 17.45 -7.75
N SER A 27 -1.99 18.24 -6.73
CA SER A 27 -2.25 19.66 -6.90
C SER A 27 -0.98 20.46 -7.19
N LEU A 28 0.19 19.92 -6.89
CA LEU A 28 1.43 20.65 -7.12
C LEU A 28 2.19 20.17 -8.35
N SER A 29 2.06 18.90 -8.72
CA SER A 29 2.52 18.48 -10.04
C SER A 29 1.62 19.03 -11.14
N ALA A 30 0.37 19.35 -10.82
CA ALA A 30 -0.50 20.01 -11.79
C ALA A 30 -0.09 21.45 -11.99
N SER A 31 0.12 22.18 -10.90
CA SER A 31 0.67 23.55 -10.98
C SER A 31 1.92 23.58 -11.85
N LEU A 32 2.87 22.70 -11.54
CA LEU A 32 4.12 22.65 -12.30
C LEU A 32 3.87 22.41 -13.78
N ALA A 33 2.88 21.58 -14.11
CA ALA A 33 2.53 21.39 -15.51
C ALA A 33 2.06 22.69 -16.15
N VAL A 34 1.16 23.39 -15.46
CA VAL A 34 0.61 24.64 -16.00
C VAL A 34 1.69 25.69 -16.14
N LYS A 35 2.39 25.99 -15.04
CA LYS A 35 3.40 27.05 -15.09
C LYS A 35 4.56 26.70 -16.01
N LEU A 36 4.71 25.42 -16.38
CA LEU A 36 5.65 25.07 -17.43
C LEU A 36 5.05 25.32 -18.81
N ALA A 37 3.77 24.99 -18.98
CA ALA A 37 3.11 25.27 -20.25
C ALA A 37 3.02 26.77 -20.51
N ALA A 38 2.94 27.57 -19.44
CA ALA A 38 2.98 29.01 -19.58
C ALA A 38 4.34 29.50 -20.10
N ALA A 39 5.40 28.73 -19.88
CA ALA A 39 6.74 29.12 -20.30
C ALA A 39 7.05 28.75 -21.74
N GLY A 40 6.15 28.04 -22.42
CA GLY A 40 6.33 27.67 -23.81
C GLY A 40 6.47 26.19 -24.06
N HIS A 41 6.73 25.40 -23.02
CA HIS A 41 6.94 23.96 -23.19
C HIS A 41 5.62 23.27 -23.51
N THR A 42 5.53 22.68 -24.70
CA THR A 42 4.46 21.71 -24.93
C THR A 42 4.66 20.61 -23.91
N THR A 43 3.76 20.51 -22.93
CA THR A 43 3.99 19.64 -21.80
C THR A 43 2.82 18.69 -21.59
N LEU A 44 3.16 17.50 -21.11
CA LEU A 44 2.22 16.45 -20.80
C LEU A 44 2.34 16.12 -19.31
N VAL A 45 1.21 16.10 -18.61
CA VAL A 45 1.16 15.68 -17.22
C VAL A 45 0.29 14.42 -17.15
N VAL A 46 0.81 13.39 -16.47
CA VAL A 46 0.20 12.07 -16.45
C VAL A 46 0.10 11.60 -15.00
N SER A 47 -1.00 10.93 -14.69
CA SER A 47 -1.21 10.32 -13.38
C SER A 47 -1.73 8.90 -13.55
N THR A 48 -1.13 7.96 -12.84
CA THR A 48 -1.66 6.60 -12.74
C THR A 48 -2.55 6.56 -11.51
N ASP A 49 -3.80 6.96 -11.69
CA ASP A 49 -4.79 6.96 -10.62
C ASP A 49 -6.13 6.53 -11.18
N PRO A 50 -6.72 5.46 -10.66
CA PRO A 50 -8.08 5.08 -11.07
C PRO A 50 -9.14 6.00 -10.50
N ALA A 51 -8.83 6.77 -9.46
CA ALA A 51 -9.75 7.79 -8.96
C ALA A 51 -9.82 9.00 -9.87
N HIS A 52 -9.01 9.04 -10.93
CA HIS A 52 -9.00 10.14 -11.91
C HIS A 52 -8.64 11.45 -11.24
N SER A 53 -7.57 11.41 -10.44
CA SER A 53 -7.15 12.60 -9.69
C SER A 53 -6.79 13.75 -10.61
N LEU A 54 -6.14 13.45 -11.74
CA LEU A 54 -5.75 14.52 -12.64
C LEU A 54 -6.95 15.27 -13.18
N SER A 55 -8.10 14.61 -13.27
CA SER A 55 -9.29 15.25 -13.83
C SER A 55 -9.90 16.25 -12.85
N ASP A 56 -10.28 15.77 -11.66
CA ASP A 56 -10.83 16.66 -10.64
C ASP A 56 -9.86 17.79 -10.30
N SER A 57 -8.56 17.52 -10.38
CA SER A 57 -7.57 18.56 -10.09
C SER A 57 -7.28 19.45 -11.28
N LEU A 58 -7.88 19.19 -12.44
CA LEU A 58 -7.76 20.09 -13.58
C LEU A 58 -9.07 20.74 -13.98
N ALA A 59 -10.20 20.21 -13.54
CA ALA A 59 -11.53 20.66 -13.98
C ALA A 59 -11.72 20.46 -15.47
N GLN A 60 -11.27 19.32 -15.97
CA GLN A 60 -11.54 18.88 -17.34
C GLN A 60 -11.61 17.36 -17.34
N ASP A 61 -12.28 16.80 -18.36
CA ASP A 61 -12.37 15.35 -18.46
C ASP A 61 -11.09 14.82 -19.13
N VAL A 62 -9.96 15.16 -18.52
CA VAL A 62 -8.65 14.79 -19.06
C VAL A 62 -8.39 13.31 -18.85
N SER A 63 -9.32 12.61 -18.23
CA SER A 63 -9.13 11.24 -17.80
C SER A 63 -9.35 10.21 -18.91
N GLY A 64 -9.26 10.62 -20.18
CA GLY A 64 -9.26 9.65 -21.25
C GLY A 64 -8.03 8.77 -21.23
N GLY A 65 -8.11 7.65 -21.95
CA GLY A 65 -7.04 6.67 -21.94
C GLY A 65 -5.78 7.08 -22.69
N ARG A 66 -5.90 8.00 -23.62
CA ARG A 66 -4.79 8.61 -24.33
C ARG A 66 -4.63 10.07 -23.91
N PRO A 67 -3.49 10.70 -24.25
CA PRO A 67 -3.33 12.12 -23.92
C PRO A 67 -4.35 12.99 -24.64
N VAL A 68 -5.09 13.78 -23.85
CA VAL A 68 -6.14 14.64 -24.36
C VAL A 68 -5.76 16.10 -24.12
N LEU A 69 -5.94 16.92 -25.16
CA LEU A 69 -5.68 18.35 -25.04
C LEU A 69 -6.90 19.04 -24.45
N LEU A 70 -6.65 19.96 -23.54
CA LEU A 70 -7.70 20.60 -22.77
C LEU A 70 -8.43 21.67 -23.57
N GLN A 71 -9.70 21.87 -23.25
CA GLN A 71 -10.51 22.90 -23.88
C GLN A 71 -10.53 24.15 -23.01
N GLY A 72 -10.33 25.32 -23.63
CA GLY A 72 -10.56 26.59 -22.98
C GLY A 72 -9.35 27.43 -22.66
N THR A 73 -8.15 27.04 -23.09
CA THR A 73 -6.97 27.88 -22.89
C THR A 73 -6.15 27.89 -24.18
N ASP A 74 -5.59 29.05 -24.50
CA ASP A 74 -4.57 29.05 -25.54
C ASP A 74 -3.24 28.46 -25.06
N LEU A 75 -3.20 27.89 -23.83
CA LEU A 75 -2.01 27.34 -23.19
C LEU A 75 -1.78 25.90 -23.61
N PRO A 76 -0.58 25.55 -24.07
CA PRO A 76 -0.33 24.19 -24.56
C PRO A 76 -0.06 23.17 -23.46
N LEU A 77 -1.05 22.34 -23.15
CA LEU A 77 -0.93 21.41 -22.05
C LEU A 77 -1.72 20.14 -22.36
N TRP A 78 -1.15 19.00 -22.01
CA TRP A 78 -1.77 17.70 -22.23
C TRP A 78 -1.79 16.91 -20.94
N GLY A 79 -2.91 16.24 -20.67
CA GLY A 79 -3.02 15.34 -19.55
C GLY A 79 -3.26 13.93 -20.03
N LEU A 80 -2.73 12.96 -19.28
CA LEU A 80 -2.82 11.56 -19.66
C LEU A 80 -3.25 10.74 -18.46
N GLU A 81 -4.34 9.99 -18.62
CA GLU A 81 -4.82 9.08 -17.60
C GLU A 81 -4.69 7.67 -18.15
N ILE A 82 -3.88 6.84 -17.49
CA ILE A 82 -3.57 5.50 -17.99
C ILE A 82 -4.26 4.48 -17.09
N ASP A 83 -4.95 3.54 -17.72
CA ASP A 83 -5.67 2.46 -17.08
C ASP A 83 -4.73 1.30 -16.76
N PRO A 84 -4.42 1.08 -15.49
CA PRO A 84 -3.48 -0.01 -15.14
C PRO A 84 -4.05 -1.39 -15.42
N GLU A 85 -5.25 -1.69 -14.94
CA GLU A 85 -5.74 -3.06 -14.98
C GLU A 85 -6.14 -3.52 -16.38
N GLU A 86 -6.57 -2.61 -17.24
CA GLU A 86 -7.08 -3.02 -18.55
C GLU A 86 -6.00 -3.01 -19.62
N ALA A 87 -5.32 -1.88 -19.80
CA ALA A 87 -4.43 -1.72 -20.95
C ALA A 87 -3.20 -2.61 -20.84
N LYS A 88 -2.58 -2.69 -19.67
CA LYS A 88 -1.30 -3.37 -19.57
C LYS A 88 -1.46 -4.88 -19.73
N ARG A 89 -2.46 -5.46 -19.07
CA ARG A 89 -2.75 -6.87 -19.30
C ARG A 89 -3.35 -7.13 -20.67
N GLU A 90 -3.66 -6.09 -21.43
CA GLU A 90 -4.24 -6.27 -22.76
C GLU A 90 -3.17 -6.61 -23.80
N PHE A 91 -2.01 -5.97 -23.73
CA PHE A 91 -0.92 -6.32 -24.64
C PHE A 91 -0.38 -7.72 -24.34
N PHE A 92 -0.53 -8.18 -23.10
CA PHE A 92 -0.12 -9.53 -22.74
C PHE A 92 -0.99 -10.56 -23.45
N GLU A 93 -2.31 -10.39 -23.39
CA GLU A 93 -3.24 -11.32 -24.01
C GLU A 93 -3.31 -11.09 -25.51
N GLN A 111 -0.36 -37.85 -35.05
CA GLN A 111 -0.96 -36.58 -34.66
C GLN A 111 -1.66 -36.64 -33.31
N VAL A 112 -2.80 -37.32 -33.28
CA VAL A 112 -3.68 -37.40 -32.12
C VAL A 112 -3.26 -38.64 -31.36
N SER A 113 -2.01 -39.06 -31.56
CA SER A 113 -1.57 -40.37 -31.10
C SER A 113 -1.84 -40.50 -29.61
N ASP A 114 -2.87 -41.28 -29.29
CA ASP A 114 -3.33 -41.47 -27.92
C ASP A 114 -2.60 -42.60 -27.23
N PHE A 115 -1.68 -43.25 -27.96
CA PHE A 115 -1.17 -44.56 -27.59
C PHE A 115 -0.73 -44.63 -26.14
N ASN A 117 -2.66 -43.61 -23.81
CA ASN A 117 -3.86 -44.13 -23.18
C ASN A 117 -3.77 -45.65 -23.00
N ARG A 118 -3.18 -46.34 -23.97
CA ARG A 118 -3.05 -47.79 -23.91
C ARG A 118 -1.95 -48.23 -22.96
N GLY A 120 -1.87 -47.00 -20.19
CA GLY A 120 -2.46 -46.46 -19.00
C GLY A 120 -1.97 -45.08 -18.62
N GLY A 122 -2.90 -42.51 -19.75
CA GLY A 122 -4.07 -41.64 -19.83
C GLY A 122 -4.64 -41.23 -18.50
N PHE A 123 -4.26 -41.88 -17.40
CA PHE A 123 -4.64 -41.39 -16.08
C PHE A 123 -3.67 -40.34 -15.57
N VAL A 124 -2.39 -40.46 -15.91
CA VAL A 124 -1.41 -39.49 -15.44
C VAL A 124 -1.42 -38.22 -16.29
N ILE A 125 -1.70 -38.35 -17.59
CA ILE A 125 -1.73 -37.18 -18.45
C ILE A 125 -2.95 -36.31 -18.15
N ASP A 126 -4.08 -36.92 -17.78
CA ASP A 126 -5.27 -36.15 -17.44
C ASP A 126 -5.21 -35.58 -16.03
N GLN A 127 -4.22 -35.96 -15.23
CA GLN A 127 -3.99 -35.33 -13.93
C GLN A 127 -3.02 -34.16 -14.01
N LEU A 128 -2.14 -34.13 -15.01
CA LEU A 128 -1.23 -33.00 -15.18
C LEU A 128 -1.92 -31.85 -15.90
N LYS A 129 -2.70 -32.16 -16.94
CA LYS A 129 -3.49 -31.13 -17.59
C LYS A 129 -4.50 -30.51 -16.64
N GLU A 130 -4.86 -31.21 -15.57
CA GLU A 130 -5.68 -30.63 -14.51
C GLU A 130 -4.88 -29.69 -13.61
N LEU A 131 -3.55 -29.72 -13.66
CA LEU A 131 -2.77 -28.66 -13.05
C LEU A 131 -2.87 -27.36 -13.85
N LYS A 132 -3.26 -27.46 -15.12
CA LYS A 132 -3.50 -26.31 -15.97
C LYS A 132 -2.30 -25.36 -15.97
N LEU A 133 -1.13 -25.94 -16.19
CA LEU A 133 0.10 -25.17 -16.21
C LEU A 133 0.11 -24.18 -17.37
N GLY A 134 -0.68 -24.46 -18.42
CA GLY A 134 -0.90 -23.45 -19.44
C GLY A 134 -1.41 -22.15 -18.85
N GLU A 135 -2.40 -22.23 -17.97
CA GLU A 135 -2.91 -21.04 -17.30
C GLU A 135 -1.79 -20.30 -16.59
N LEU A 136 -1.01 -21.04 -15.79
CA LEU A 136 0.05 -20.42 -14.99
C LEU A 136 1.08 -19.73 -15.87
N LEU A 137 1.23 -20.17 -17.12
CA LEU A 137 2.07 -19.43 -18.04
C LEU A 137 1.35 -18.21 -18.61
N ASN A 138 0.01 -18.29 -18.73
CA ASN A 138 -0.77 -17.19 -19.26
C ASN A 138 -1.08 -16.13 -18.23
N THR A 139 -0.96 -16.43 -16.94
CA THR A 139 -1.16 -15.43 -15.91
C THR A 139 -0.06 -14.39 -16.00
N PRO A 140 -0.35 -13.18 -16.47
CA PRO A 140 0.68 -12.17 -16.56
C PRO A 140 1.20 -11.82 -15.17
N PRO A 141 2.51 -11.64 -15.02
CA PRO A 141 3.10 -11.53 -13.70
C PRO A 141 2.56 -10.34 -12.94
N PRO A 142 2.62 -10.36 -11.61
CA PRO A 142 2.05 -9.26 -10.83
C PRO A 142 2.98 -8.05 -10.81
N GLY A 143 2.37 -6.86 -10.81
CA GLY A 143 3.09 -5.62 -10.91
C GLY A 143 3.24 -5.09 -12.31
N LEU A 144 2.87 -5.88 -13.32
CA LEU A 144 3.11 -5.52 -14.71
C LEU A 144 2.61 -4.11 -15.03
N ASP A 145 1.40 -3.78 -14.58
CA ASP A 145 0.76 -2.54 -15.01
C ASP A 145 1.58 -1.31 -14.65
N GLU A 146 1.75 -1.05 -13.35
CA GLU A 146 2.55 0.09 -12.91
C GLU A 146 3.99 0.00 -13.43
N ALA A 147 4.45 -1.19 -13.80
CA ALA A 147 5.77 -1.31 -14.42
C ALA A 147 5.79 -0.74 -15.83
N VAL A 148 4.76 -1.03 -16.62
CA VAL A 148 4.71 -0.58 -18.02
C VAL A 148 4.00 0.76 -18.16
N ALA A 149 3.39 1.28 -17.10
CA ALA A 149 2.72 2.57 -17.15
C ALA A 149 3.59 3.63 -17.80
N ILE A 150 4.77 3.86 -17.23
CA ILE A 150 5.61 4.95 -17.69
C ILE A 150 6.25 4.64 -19.03
N ALA A 151 6.36 3.37 -19.41
CA ALA A 151 6.82 3.04 -20.75
C ALA A 151 5.81 3.45 -21.80
N LYS A 152 4.51 3.21 -21.52
CA LYS A 152 3.46 3.73 -22.37
C LYS A 152 3.55 5.23 -22.54
N VAL A 153 3.96 5.95 -21.50
CA VAL A 153 4.10 7.40 -21.58
C VAL A 153 5.16 7.78 -22.60
N VAL A 154 6.28 7.05 -22.64
CA VAL A 154 7.33 7.38 -23.58
C VAL A 154 6.92 7.07 -25.02
N GLN A 155 5.91 6.21 -25.21
CA GLN A 155 5.46 5.93 -26.57
C GLN A 155 4.95 7.21 -27.23
N PHE A 156 3.89 7.81 -26.66
CA PHE A 156 3.23 8.93 -27.29
C PHE A 156 4.15 10.13 -27.50
N VAL A 157 5.25 10.21 -26.76
CA VAL A 157 6.08 11.42 -26.82
C VAL A 157 7.13 11.31 -27.93
N GLN A 158 7.78 10.16 -28.08
CA GLN A 158 8.65 9.94 -29.23
C GLN A 158 7.86 9.58 -30.47
N ALA A 159 6.65 9.06 -30.31
CA ALA A 159 5.73 8.93 -31.44
C ALA A 159 5.35 10.30 -31.98
N ALA A 160 5.07 11.24 -31.08
CA ALA A 160 4.67 12.60 -31.43
C ALA A 160 3.41 12.64 -32.29
N GLU A 161 2.59 11.59 -32.23
CA GLU A 161 1.34 11.61 -32.98
C GLU A 161 0.44 12.75 -32.54
N TYR A 162 0.51 13.13 -31.26
CA TYR A 162 -0.32 14.18 -30.71
C TYR A 162 0.39 15.53 -30.74
N ALA A 163 1.64 15.58 -30.26
CA ALA A 163 2.46 16.78 -30.37
C ALA A 163 3.88 16.45 -29.90
N ARG A 164 4.83 17.28 -30.31
CA ARG A 164 6.18 17.23 -29.76
C ARG A 164 6.15 17.74 -28.33
N PHE A 165 6.55 16.90 -27.38
CA PHE A 165 6.45 17.23 -25.97
C PHE A 165 7.79 17.72 -25.45
N SER A 166 7.82 18.97 -25.01
CA SER A 166 9.07 19.56 -24.52
C SER A 166 9.39 19.09 -23.11
N ARG A 167 8.39 18.84 -22.27
CA ARG A 167 8.63 18.30 -20.94
C ARG A 167 7.43 17.44 -20.52
N ILE A 168 7.68 16.55 -19.57
CA ILE A 168 6.66 15.64 -19.05
C ILE A 168 6.69 15.69 -17.53
N VAL A 169 5.53 15.85 -16.91
CA VAL A 169 5.42 15.95 -15.45
C VAL A 169 4.59 14.77 -14.95
N PHE A 170 5.12 14.05 -13.96
CA PHE A 170 4.53 12.80 -13.50
C PHE A 170 4.01 12.93 -12.08
N ASP A 171 2.75 12.53 -11.87
CA ASP A 171 2.19 12.29 -10.54
C ASP A 171 2.36 10.80 -10.28
N THR A 172 3.38 10.45 -9.51
CA THR A 172 3.68 9.05 -9.24
C THR A 172 2.79 8.52 -8.11
N ALA A 173 2.63 7.20 -8.09
CA ALA A 173 1.86 6.57 -7.04
C ALA A 173 2.65 6.60 -5.73
N PRO A 174 1.98 6.85 -4.59
CA PRO A 174 2.69 7.09 -3.33
C PRO A 174 3.77 6.07 -2.97
N THR A 175 5.01 6.55 -2.86
CA THR A 175 6.18 5.74 -2.55
C THR A 175 6.23 4.43 -3.34
N LEU A 182 11.93 0.97 -7.98
CA LEU A 182 12.52 0.43 -9.20
C LEU A 182 12.60 -1.09 -9.11
N ALA A 183 12.39 -1.64 -7.92
CA ALA A 183 12.54 -3.08 -7.75
C ALA A 183 11.54 -3.86 -8.59
N LEU A 184 10.39 -3.28 -8.88
CA LEU A 184 9.33 -4.00 -9.58
C LEU A 184 9.66 -4.22 -11.06
N PRO A 185 10.19 -3.23 -11.80
CA PRO A 185 10.62 -3.53 -13.17
C PRO A 185 11.62 -4.67 -13.30
N ASP A 186 12.44 -4.93 -12.28
CA ASP A 186 13.29 -6.11 -12.34
C ASP A 186 12.54 -7.37 -11.96
N PHE A 187 11.57 -7.26 -11.06
CA PHE A 187 10.74 -8.42 -10.72
C PHE A 187 9.94 -8.89 -11.93
N VAL A 188 9.31 -7.95 -12.65
CA VAL A 188 8.58 -8.32 -13.85
C VAL A 188 9.54 -8.68 -14.97
N ASP A 189 10.71 -8.04 -15.04
CA ASP A 189 11.75 -8.51 -15.95
C ASP A 189 12.09 -9.97 -15.67
N ALA A 190 12.11 -10.35 -14.39
CA ALA A 190 12.47 -11.72 -14.03
C ALA A 190 11.32 -12.68 -14.24
N SER A 191 10.09 -12.25 -13.96
CA SER A 191 8.94 -13.14 -14.20
C SER A 191 8.66 -13.30 -15.68
N LEU A 192 9.02 -12.31 -16.49
CA LEU A 192 8.87 -12.48 -17.93
C LEU A 192 9.91 -13.44 -18.49
N ALA A 193 11.14 -13.36 -18.00
CA ALA A 193 12.18 -14.27 -18.48
C ALA A 193 11.84 -15.71 -18.12
N LYS A 194 11.44 -15.95 -16.86
CA LYS A 194 11.00 -17.28 -16.45
C LYS A 194 9.95 -17.84 -17.40
N VAL A 195 8.98 -17.03 -17.81
CA VAL A 195 7.96 -17.48 -18.75
C VAL A 195 8.51 -17.49 -20.18
N ILE A 196 9.36 -16.52 -20.51
CA ILE A 196 9.99 -16.50 -21.83
C ILE A 196 10.96 -17.67 -21.97
N ARG A 197 11.67 -18.02 -20.90
CA ARG A 197 12.61 -19.14 -20.98
C ARG A 197 11.88 -20.45 -21.24
N LEU A 198 10.62 -20.58 -20.79
CA LEU A 198 9.91 -21.84 -20.94
C LEU A 198 9.26 -22.00 -22.30
N ARG A 199 8.90 -20.91 -22.97
CA ARG A 199 8.22 -21.07 -24.25
C ARG A 199 9.16 -21.44 -25.38
N LYS A 200 10.40 -20.93 -25.37
CA LYS A 200 11.35 -21.38 -26.39
C LYS A 200 11.85 -22.79 -26.12
N LYS A 201 11.68 -23.30 -24.90
CA LYS A 201 11.89 -24.72 -24.65
C LYS A 201 10.75 -25.56 -25.19
N LEU A 202 9.55 -24.98 -25.35
CA LEU A 202 8.40 -25.70 -25.86
C LEU A 202 8.20 -25.55 -27.35
N ASN A 203 9.00 -24.71 -28.03
CA ASN A 203 8.81 -24.52 -29.46
C ASN A 203 9.05 -25.81 -30.23
N GLY A 204 10.12 -26.52 -29.89
CA GLY A 204 10.28 -27.88 -30.37
C GLY A 204 10.03 -28.85 -29.24
N ALA A 205 8.93 -29.57 -29.27
CA ALA A 205 8.55 -30.43 -28.16
C ALA A 205 7.64 -31.53 -28.64
N THR A 206 7.63 -32.63 -27.89
CA THR A 206 6.74 -33.74 -28.20
C THR A 206 5.28 -33.30 -28.06
N SER A 207 4.44 -33.89 -28.91
CA SER A 207 3.08 -33.38 -29.10
C SER A 207 2.25 -33.45 -27.82
N VAL A 208 2.50 -34.45 -26.97
CA VAL A 208 1.71 -34.55 -25.74
C VAL A 208 2.26 -33.64 -24.65
N VAL A 209 3.58 -33.37 -24.65
CA VAL A 209 4.14 -32.43 -23.69
C VAL A 209 3.52 -31.05 -23.88
N ARG A 210 3.44 -30.59 -25.13
CA ARG A 210 2.71 -29.36 -25.42
C ARG A 210 1.25 -29.48 -25.01
N GLY A 211 0.69 -30.68 -25.05
CA GLY A 211 -0.69 -30.87 -24.64
C GLY A 211 -0.92 -30.48 -23.20
N LEU A 212 0.08 -30.67 -22.34
CA LEU A 212 -0.04 -30.29 -20.94
C LEU A 212 -0.12 -28.79 -20.76
N PHE A 213 0.35 -28.01 -21.74
CA PHE A 213 0.30 -26.56 -21.68
C PHE A 213 -0.69 -25.96 -22.66
N GLY A 214 -1.18 -26.75 -23.61
CA GLY A 214 -2.04 -26.21 -24.65
C GLY A 214 -1.32 -25.35 -25.65
N ALA A 215 -0.04 -25.64 -25.91
CA ALA A 215 0.80 -24.83 -26.77
C ALA A 215 1.03 -25.51 -28.10
N GLY A 216 1.10 -24.72 -29.16
CA GLY A 216 1.26 -25.24 -30.50
C GLY A 216 2.68 -25.68 -30.78
N GLU A 217 2.96 -25.90 -32.08
CA GLU A 217 4.31 -26.24 -32.48
C GLU A 217 5.21 -25.01 -32.46
N SER A 218 4.93 -24.05 -33.34
CA SER A 218 5.81 -22.89 -33.49
C SER A 218 5.46 -21.87 -32.40
N GLN A 219 6.36 -21.72 -31.43
CA GLN A 219 6.23 -20.72 -30.39
C GLN A 219 6.74 -19.36 -30.82
N ASP A 220 7.25 -19.22 -32.04
CA ASP A 220 8.00 -18.02 -32.41
C ASP A 220 7.11 -16.80 -32.62
N GLU A 221 5.80 -16.96 -32.72
CA GLU A 221 4.93 -15.80 -32.86
C GLU A 221 4.69 -15.11 -31.52
N ALA A 222 4.63 -15.87 -30.43
CA ALA A 222 4.33 -15.32 -29.12
C ALA A 222 5.58 -14.79 -28.41
N VAL A 223 6.70 -15.52 -28.49
CA VAL A 223 7.91 -15.04 -27.86
C VAL A 223 8.40 -13.78 -28.55
N GLU A 224 8.25 -13.70 -29.87
CA GLU A 224 8.66 -12.51 -30.61
C GLU A 224 8.01 -11.24 -30.07
N LYS A 225 6.85 -11.36 -29.41
CA LYS A 225 6.25 -10.20 -28.76
C LYS A 225 6.34 -10.23 -27.24
N LEU A 226 6.58 -11.41 -26.65
CA LEU A 226 6.82 -11.44 -25.20
C LEU A 226 8.14 -10.77 -24.85
N GLU A 227 9.10 -10.75 -25.78
CA GLU A 227 10.39 -10.12 -25.50
C GLU A 227 10.31 -8.61 -25.55
N LEU A 228 9.54 -8.07 -26.49
CA LEU A 228 9.44 -6.62 -26.63
C LEU A 228 8.74 -6.01 -25.42
N LEU A 229 7.78 -6.72 -24.85
CA LEU A 229 7.18 -6.30 -23.59
C LEU A 229 8.19 -6.37 -22.46
N GLN A 230 9.11 -7.33 -22.54
CA GLN A 230 10.21 -7.41 -21.60
C GLN A 230 11.22 -6.28 -21.82
N GLN A 231 11.38 -5.82 -23.06
CA GLN A 231 12.31 -4.72 -23.34
C GLN A 231 11.73 -3.38 -22.92
N ARG A 232 10.41 -3.21 -22.99
CA ARG A 232 9.79 -1.95 -22.57
C ARG A 232 9.76 -1.81 -21.05
N VAL A 233 9.88 -2.91 -20.32
CA VAL A 233 10.09 -2.80 -18.88
C VAL A 233 11.52 -2.37 -18.59
N ARG A 234 12.44 -2.67 -19.50
CA ARG A 234 13.86 -2.40 -19.29
C ARG A 234 14.21 -0.95 -19.60
N VAL A 236 12.32 1.44 -18.94
CA VAL A 236 11.91 2.10 -17.71
C VAL A 236 13.10 2.28 -16.77
N LYS A 237 13.71 1.16 -16.38
CA LYS A 237 14.88 1.19 -15.52
C LYS A 237 15.97 2.08 -16.10
N ALA A 238 16.07 2.15 -17.42
CA ALA A 238 17.05 3.00 -18.09
C ALA A 238 16.64 4.46 -18.13
N LEU A 239 15.35 4.75 -17.93
CA LEU A 239 14.90 6.14 -17.92
C LEU A 239 15.17 6.78 -16.57
N PHE A 240 14.78 6.10 -15.48
CA PHE A 240 15.02 6.64 -14.14
C PHE A 240 16.49 6.94 -13.91
N ARG A 241 17.38 6.11 -14.44
CA ARG A 241 18.80 6.37 -14.33
C ARG A 241 19.25 7.48 -15.26
N ASP A 242 18.48 7.77 -16.31
CA ASP A 242 18.98 8.60 -17.39
C ASP A 242 19.32 10.00 -16.88
N LYS A 243 20.62 10.27 -16.79
CA LYS A 243 21.09 11.50 -16.16
C LYS A 243 20.68 12.76 -16.93
N THR A 244 20.25 12.63 -18.19
CA THR A 244 19.94 13.79 -19.02
C THR A 244 18.47 14.16 -19.01
N GLN A 245 17.56 13.19 -19.16
CA GLN A 245 16.15 13.52 -19.26
C GLN A 245 15.45 13.54 -17.90
N THR A 246 15.77 12.60 -17.02
CA THR A 246 15.01 12.40 -15.80
C THR A 246 15.51 13.27 -14.66
N GLU A 247 14.61 13.57 -13.73
CA GLU A 247 14.89 14.28 -12.48
C GLU A 247 13.70 14.06 -11.56
N PHE A 248 13.98 13.83 -10.28
CA PHE A 248 12.94 13.58 -9.29
C PHE A 248 12.82 14.76 -8.33
N ILE A 249 11.63 14.88 -7.73
CA ILE A 249 11.36 15.88 -6.70
C ILE A 249 10.46 15.23 -5.66
N ILE A 250 10.89 15.26 -4.39
CA ILE A 250 10.13 14.64 -3.30
C ILE A 250 9.16 15.68 -2.75
N ALA A 251 8.01 15.20 -2.28
CA ALA A 251 6.93 16.05 -1.77
C ALA A 251 6.43 15.46 -0.46
N THR A 252 6.43 16.26 0.60
CA THR A 252 6.13 15.74 1.92
C THR A 252 5.51 16.82 2.80
N ILE A 253 4.58 16.41 3.65
CA ILE A 253 3.95 17.28 4.65
C ILE A 253 4.88 17.38 5.86
N PRO A 254 5.00 18.55 6.49
CA PRO A 254 6.06 18.79 7.47
C PRO A 254 6.14 17.89 8.70
N THR A 255 5.27 16.89 8.85
CA THR A 255 5.31 16.06 10.05
C THR A 255 6.67 15.39 10.23
N TYR A 256 6.95 14.97 11.46
CA TYR A 256 8.21 14.32 11.77
C TYR A 256 8.37 13.02 10.98
N LEU A 257 7.38 12.13 11.10
CA LEU A 257 7.43 10.86 10.39
C LEU A 257 7.63 11.06 8.89
N GLY A 258 7.02 12.12 8.34
CA GLY A 258 7.15 12.36 6.91
C GLY A 258 8.55 12.72 6.49
N VAL A 259 9.29 13.42 7.36
CA VAL A 259 10.66 13.79 7.01
C VAL A 259 11.55 12.57 6.97
N ASN A 260 11.58 11.77 8.03
CA ASN A 260 12.47 10.62 8.01
C ASN A 260 11.97 9.53 7.07
N GLU A 261 10.68 9.53 6.73
CA GLU A 261 10.21 8.68 5.65
C GLU A 261 10.79 9.12 4.31
N SER A 262 10.83 10.44 4.08
CA SER A 262 11.47 10.95 2.87
C SER A 262 12.99 10.80 2.93
N SER A 263 13.57 10.90 4.13
CA SER A 263 15.00 10.66 4.28
C SER A 263 15.37 9.30 3.73
N ARG A 264 14.59 8.27 4.04
CA ARG A 264 14.85 6.93 3.54
C ARG A 264 14.51 6.80 2.06
N LEU A 265 13.65 7.67 1.52
CA LEU A 265 13.36 7.62 0.09
C LEU A 265 14.57 8.08 -0.71
N LEU A 266 15.25 9.13 -0.25
CA LEU A 266 16.40 9.63 -0.97
C LEU A 266 17.55 8.63 -0.90
N GLN A 267 17.69 7.94 0.23
CA GLN A 267 18.68 6.87 0.34
C GLN A 267 18.64 5.98 -0.89
N ALA A 268 17.43 5.59 -1.30
CA ALA A 268 17.27 4.79 -2.51
C ALA A 268 17.72 5.57 -3.74
N LEU A 269 17.28 6.82 -3.87
CA LEU A 269 17.58 7.59 -5.08
C LEU A 269 19.07 7.84 -5.25
N ARG A 270 19.86 7.79 -4.18
CA ARG A 270 21.30 7.93 -4.32
C ARG A 270 21.97 6.60 -4.63
N ALA A 271 21.44 5.50 -4.09
CA ALA A 271 21.96 4.18 -4.43
C ALA A 271 21.74 3.89 -5.90
N GLU A 272 20.49 3.88 -6.34
CA GLU A 272 20.15 3.48 -7.70
C GLU A 272 20.40 4.56 -8.74
N GLN A 273 21.15 5.61 -8.40
CA GLN A 273 21.71 6.58 -9.33
C GLN A 273 20.68 7.55 -9.88
N ILE A 274 19.50 7.63 -9.28
CA ILE A 274 18.38 8.39 -9.85
C ILE A 274 18.52 9.83 -9.39
N PRO A 275 18.65 10.80 -10.29
CA PRO A 275 18.91 12.18 -9.88
C PRO A 275 17.74 12.78 -9.10
N CYS A 276 18.01 13.18 -7.87
CA CYS A 276 17.02 13.85 -7.01
C CYS A 276 17.61 15.17 -6.54
N LYS A 277 17.05 16.27 -7.05
CA LYS A 277 17.63 17.59 -6.83
C LYS A 277 16.78 18.50 -5.96
N ARG A 278 15.52 18.17 -5.71
CA ARG A 278 14.61 19.07 -4.99
C ARG A 278 13.66 18.32 -4.09
N ILE A 279 13.37 18.89 -2.93
CA ILE A 279 12.28 18.45 -2.07
C ILE A 279 11.34 19.62 -1.85
N ILE A 280 10.04 19.36 -1.87
CA ILE A 280 9.03 20.37 -1.59
C ILE A 280 8.29 19.96 -0.31
N VAL A 281 7.93 20.93 0.51
CA VAL A 281 7.11 20.67 1.68
C VAL A 281 5.80 21.43 1.51
N ASN A 282 4.71 20.69 1.35
CA ASN A 282 3.40 21.28 1.16
C ASN A 282 2.62 21.23 2.47
N GLN A 283 1.62 22.10 2.57
CA GLN A 283 0.80 22.24 3.77
C GLN A 283 1.60 22.83 4.93
N ILE A 284 2.42 23.84 4.66
CA ILE A 284 3.02 24.62 5.73
C ILE A 284 2.08 25.76 6.08
N VAL A 285 1.98 26.05 7.37
CA VAL A 285 1.24 27.21 7.85
C VAL A 285 2.17 28.42 7.79
N GLY A 286 1.74 29.47 7.09
CA GLY A 286 2.48 30.71 7.06
C GLY A 286 2.24 31.53 8.31
N PRO A 287 3.14 32.48 8.60
CA PRO A 287 2.94 33.29 9.82
C PRO A 287 1.78 34.27 9.71
N GLN A 288 1.65 34.98 8.59
CA GLN A 288 0.58 35.96 8.48
C GLN A 288 -0.79 35.30 8.49
N GLN A 289 -1.02 34.36 7.57
CA GLN A 289 -2.34 33.77 7.39
C GLN A 289 -2.51 32.47 8.14
N GLY A 290 -1.73 32.25 9.19
CA GLY A 290 -1.93 31.08 10.02
C GLY A 290 -3.24 31.14 10.78
N ASP A 291 -3.75 32.34 11.04
CA ASP A 291 -5.02 32.49 11.75
C ASP A 291 -6.21 32.10 10.88
N ALA A 292 -6.04 32.08 9.56
CA ALA A 292 -7.11 31.61 8.69
C ALA A 292 -7.25 30.10 8.75
N TYR A 293 -6.16 29.40 9.03
CA TYR A 293 -6.15 27.94 9.04
C TYR A 293 -7.20 27.39 9.99
N LEU A 294 -7.27 27.93 11.21
CA LEU A 294 -8.17 27.37 12.21
C LEU A 294 -9.63 27.51 11.80
N ARG A 295 -10.00 28.65 11.21
CA ARG A 295 -11.35 28.78 10.66
C ARG A 295 -11.61 27.69 9.64
N LYS A 297 -9.81 24.62 9.36
CA LYS A 297 -9.74 23.31 10.02
C LYS A 297 -11.02 22.97 10.75
N LYS A 299 -14.42 24.04 10.31
CA LYS A 299 -15.57 23.68 9.48
C LYS A 299 -15.44 22.27 8.93
N ASP A 300 -14.21 21.79 8.72
CA ASP A 300 -14.01 20.38 8.44
C ASP A 300 -14.54 19.52 9.57
N GLN A 301 -14.09 19.78 10.80
CA GLN A 301 -14.51 18.97 11.93
C GLN A 301 -16.01 19.08 12.15
N ILE A 302 -16.58 20.27 11.94
CA ILE A 302 -18.02 20.45 12.09
C ILE A 302 -18.77 19.58 11.10
N ALA A 303 -18.33 19.60 9.84
CA ALA A 303 -19.02 18.86 8.79
C ALA A 303 -18.90 17.35 9.01
N ALA A 304 -17.70 16.89 9.32
CA ALA A 304 -17.50 15.45 9.48
C ALA A 304 -18.31 14.90 10.63
N LEU A 305 -18.31 15.60 11.77
CA LEU A 305 -19.06 15.12 12.92
C LEU A 305 -20.56 15.18 12.67
N GLU A 306 -21.02 16.21 11.94
CA GLU A 306 -22.40 16.22 11.48
C GLU A 306 -22.72 14.96 10.70
N VAL A 308 -20.72 11.97 10.93
CA VAL A 308 -20.59 10.87 11.87
C VAL A 308 -21.90 10.66 12.61
N ALA A 309 -22.55 11.75 13.00
CA ALA A 309 -23.85 11.64 13.62
C ALA A 309 -24.89 11.11 12.64
N ASN A 310 -24.82 11.51 11.38
CA ASN A 310 -25.89 11.25 10.41
C ASN A 310 -25.54 10.25 9.31
N ASP A 311 -24.33 9.70 9.28
CA ASP A 311 -23.95 8.94 8.10
C ASP A 311 -24.77 7.66 7.98
N PRO A 312 -25.14 7.28 6.75
CA PRO A 312 -25.82 5.99 6.55
C PRO A 312 -24.99 4.83 7.05
N GLY A 313 -25.63 3.94 7.81
CA GLY A 313 -24.97 2.75 8.31
C GLY A 313 -24.09 2.96 9.52
N LEU A 314 -23.78 4.20 9.89
CA LEU A 314 -23.08 4.43 11.14
C LEU A 314 -24.00 4.34 12.35
N ARG A 315 -25.31 4.34 12.11
CA ARG A 315 -26.33 4.31 13.17
C ARG A 315 -26.05 3.20 14.19
N PRO A 316 -25.96 1.93 13.80
CA PRO A 316 -25.93 0.90 14.85
C PRO A 316 -24.63 0.85 15.63
N LEU A 317 -23.48 1.09 14.98
CA LEU A 317 -22.21 0.95 15.66
C LEU A 317 -22.01 2.11 16.64
N ARG A 318 -21.28 1.82 17.71
CA ARG A 318 -21.07 2.81 18.77
C ARG A 318 -19.97 3.78 18.37
N LYS A 319 -20.06 5.00 18.88
CA LYS A 319 -19.21 6.10 18.43
C LYS A 319 -18.56 6.78 19.63
N VAL A 320 -17.34 7.25 19.42
CA VAL A 320 -16.52 7.85 20.49
C VAL A 320 -15.75 9.02 19.91
N ILE A 321 -15.79 10.16 20.59
CA ILE A 321 -15.07 11.36 20.19
C ILE A 321 -13.95 11.60 21.19
N ALA A 322 -12.72 11.67 20.70
CA ALA A 322 -11.54 11.86 21.53
C ALA A 322 -10.94 13.23 21.30
N PRO A 323 -10.69 14.01 22.35
CA PRO A 323 -10.07 15.33 22.16
C PRO A 323 -8.58 15.19 21.98
N VAL A 325 -4.58 14.86 21.11
CA VAL A 325 -3.42 14.52 21.90
C VAL A 325 -2.91 15.75 22.66
N ASP A 326 -2.82 15.65 23.98
CA ASP A 326 -2.26 16.73 24.79
C ASP A 326 -0.79 16.88 24.44
N VAL A 327 -0.01 15.86 24.76
CA VAL A 327 1.38 15.72 24.33
C VAL A 327 1.52 14.28 23.84
N GLU A 328 2.25 14.10 22.74
CA GLU A 328 2.31 12.82 22.05
C GLU A 328 2.59 11.68 23.03
N VAL A 329 1.74 10.66 22.97
CA VAL A 329 1.72 9.56 23.94
C VAL A 329 2.89 8.63 23.64
N ARG A 330 3.97 8.75 24.42
CA ARG A 330 5.15 7.91 24.26
C ARG A 330 5.46 7.09 25.50
N GLY A 331 4.54 7.01 26.46
CA GLY A 331 4.83 6.38 27.73
C GLY A 331 3.79 5.34 28.11
N VAL A 332 4.19 4.46 29.02
CA VAL A 332 3.30 3.47 29.60
C VAL A 332 2.26 4.13 30.50
N PRO A 333 2.62 5.03 31.42
CA PRO A 333 1.56 5.71 32.19
C PRO A 333 0.66 6.56 31.30
N ALA A 334 1.25 7.32 30.39
CA ALA A 334 0.46 8.10 29.43
C ALA A 334 -0.61 7.26 28.77
N LEU A 335 -0.25 6.03 28.35
CA LEU A 335 -1.22 5.15 27.72
C LEU A 335 -2.36 4.77 28.65
N SER A 336 -2.12 4.81 29.97
CA SER A 336 -3.19 4.44 30.89
C SER A 336 -4.20 5.56 31.07
N TYR A 337 -3.77 6.81 30.92
CA TYR A 337 -4.68 7.95 31.02
C TYR A 337 -5.48 8.11 29.73
N PHE A 338 -4.85 7.86 28.58
CA PHE A 338 -5.57 7.81 27.32
C PHE A 338 -6.71 6.81 27.37
N GLY A 339 -6.54 5.73 28.14
CA GLY A 339 -7.60 4.73 28.25
C GLY A 339 -8.85 5.28 28.90
N ASN A 340 -8.69 6.21 29.84
CA ASN A 340 -9.85 6.84 30.46
C ASN A 340 -10.50 7.87 29.54
N VAL A 341 -9.82 8.31 28.49
CA VAL A 341 -10.34 9.35 27.62
C VAL A 341 -11.29 8.77 26.58
N VAL A 342 -10.88 7.69 25.92
CA VAL A 342 -11.66 7.12 24.83
C VAL A 342 -12.70 6.13 25.32
N TRP A 343 -12.33 5.20 26.21
CA TRP A 343 -13.20 4.09 26.55
C TRP A 343 -13.92 4.25 27.89
N LYS A 344 -13.71 5.33 28.65
CA LYS A 344 -14.21 5.41 30.02
C LYS A 344 -15.38 6.37 30.19
N ASP A 345 -15.25 7.65 29.81
CA ASP A 345 -16.41 8.54 29.90
C ASP A 345 -17.53 8.04 28.99
N VAL A 346 -17.16 7.53 27.82
CA VAL A 346 -18.01 6.69 27.00
C VAL A 346 -17.78 5.25 27.42
N TYR A 347 -18.61 4.32 26.95
CA TYR A 347 -18.70 2.99 27.54
C TYR A 347 -17.51 2.09 27.22
N ASP A 348 -16.89 1.55 28.28
CA ASP A 348 -16.02 0.38 28.22
C ASP A 348 -16.79 -0.91 28.45
N GLN A 349 -18.07 -0.96 28.11
CA GLN A 349 -18.78 -2.22 28.30
C GLN A 349 -18.49 -3.20 27.17
N ASN A 351 -15.81 -4.97 27.59
CA ASN A 351 -15.22 -6.04 28.39
C ASN A 351 -16.20 -7.15 28.72
N GLN A 352 -17.51 -6.89 28.64
CA GLN A 352 -18.51 -7.91 28.94
C GLN A 352 -18.57 -8.95 27.83
N GLY A 353 -18.73 -10.21 28.23
CA GLY A 353 -18.91 -11.28 27.27
C GLY A 353 -18.33 -12.59 27.80
N ALA A 354 -17.87 -13.42 26.86
CA ALA A 354 -17.24 -14.69 27.18
C ALA A 354 -15.85 -14.44 27.77
N ASP A 355 -15.14 -15.54 28.05
CA ASP A 355 -13.85 -15.42 28.69
C ASP A 355 -12.79 -14.82 27.77
N ARG A 356 -12.96 -14.91 26.46
CA ARG A 356 -11.95 -14.47 25.51
C ARG A 356 -12.52 -13.39 24.60
N LYS A 357 -11.65 -12.45 24.20
CA LYS A 357 -12.06 -11.34 23.35
C LYS A 357 -10.97 -11.02 22.34
N PHE A 358 -11.37 -10.89 21.07
CA PHE A 358 -10.48 -10.51 19.99
C PHE A 358 -10.86 -9.10 19.55
N PHE A 359 -9.95 -8.14 19.75
CA PHE A 359 -10.20 -6.74 19.43
C PHE A 359 -9.23 -6.32 18.33
N LEU A 360 -9.75 -5.90 17.19
CA LEU A 360 -8.91 -5.44 16.09
C LEU A 360 -9.20 -3.97 15.79
N LEU A 361 -8.14 -3.18 15.67
CA LEU A 361 -8.25 -1.75 15.40
C LEU A 361 -7.54 -1.44 14.09
N GLY A 362 -8.16 -0.56 13.29
CA GLY A 362 -7.59 -0.21 12.01
C GLY A 362 -7.96 1.19 11.58
N GLY A 363 -7.16 1.71 10.65
CA GLY A 363 -7.36 3.03 10.07
C GLY A 363 -6.16 3.43 9.25
N LYS A 364 -6.32 4.35 8.32
CA LYS A 364 -5.17 4.81 7.56
C LYS A 364 -4.16 5.47 8.49
N GLY A 365 -2.95 5.68 7.99
CA GLY A 365 -1.87 6.16 8.82
C GLY A 365 -1.99 7.65 9.11
N GLY A 366 -1.89 8.00 10.40
CA GLY A 366 -1.96 9.38 10.81
C GLY A 366 -2.88 9.63 11.98
N VAL A 367 -3.83 8.71 12.21
CA VAL A 367 -4.81 8.88 13.28
C VAL A 367 -4.26 8.53 14.66
N GLY A 368 -3.02 8.05 14.74
CA GLY A 368 -2.52 7.57 16.02
C GLY A 368 -3.35 6.46 16.61
N LYS A 369 -3.86 5.56 15.76
CA LYS A 369 -4.63 4.42 16.24
C LYS A 369 -3.80 3.54 17.15
N THR A 370 -2.48 3.49 16.94
CA THR A 370 -1.61 2.71 17.82
C THR A 370 -1.69 3.23 19.24
N SER A 371 -1.74 4.55 19.40
CA SER A 371 -1.92 5.14 20.73
C SER A 371 -3.25 4.70 21.34
N CYS A 372 -4.29 4.58 20.52
CA CYS A 372 -5.50 3.93 21.01
C CYS A 372 -5.28 2.43 21.17
N SER A 373 -4.82 1.77 20.10
CA SER A 373 -4.61 0.32 20.14
C SER A 373 -3.82 -0.10 21.37
N SER A 374 -2.71 0.58 21.64
CA SER A 374 -1.94 0.30 22.84
C SER A 374 -2.74 0.59 24.10
N SER A 375 -3.46 1.71 24.12
CA SER A 375 -4.17 2.14 25.31
C SER A 375 -5.29 1.18 25.71
N LEU A 376 -5.74 0.33 24.79
CA LEU A 376 -6.79 -0.65 25.08
C LEU A 376 -6.24 -1.84 25.86
N ALA A 377 -5.08 -2.35 25.48
CA ALA A 377 -4.47 -3.44 26.25
C ALA A 377 -4.13 -2.98 27.65
N VAL A 378 -3.52 -1.80 27.78
CA VAL A 378 -3.12 -1.29 29.08
C VAL A 378 -4.35 -1.08 29.97
N HIS A 379 -5.46 -0.60 29.39
CA HIS A 379 -6.61 -0.24 30.20
C HIS A 379 -7.16 -1.43 30.98
N PHE A 380 -7.40 -2.55 30.30
CA PHE A 380 -7.81 -3.78 30.98
C PHE A 380 -6.63 -4.72 31.19
N ALA A 381 -5.44 -4.17 31.39
CA ALA A 381 -4.37 -4.96 31.96
C ALA A 381 -4.53 -5.05 33.47
N ASN A 382 -4.57 -3.91 34.14
CA ASN A 382 -4.74 -3.89 35.59
C ASN A 382 -6.18 -4.08 36.04
N ASP A 383 -7.13 -4.25 35.11
CA ASP A 383 -8.51 -4.54 35.46
C ASP A 383 -8.76 -6.01 35.77
N GLY A 384 -7.71 -6.81 35.91
CA GLY A 384 -7.83 -8.23 36.18
C GLY A 384 -7.75 -9.13 34.97
N LEU A 385 -7.29 -8.63 33.84
CA LEU A 385 -7.35 -9.36 32.59
C LEU A 385 -5.99 -9.45 31.93
N PRO A 386 -5.52 -10.65 31.59
CA PRO A 386 -4.26 -10.78 30.85
C PRO A 386 -4.46 -10.71 29.34
N THR A 387 -3.79 -9.77 28.67
CA THR A 387 -4.19 -9.39 27.33
C THR A 387 -2.99 -9.10 26.44
N LEU A 388 -2.88 -9.81 25.32
CA LEU A 388 -1.78 -9.62 24.39
C LEU A 388 -2.15 -8.63 23.31
N VAL A 389 -1.29 -7.64 23.09
CA VAL A 389 -1.42 -6.70 21.99
C VAL A 389 -0.46 -7.13 20.89
N VAL A 390 -0.98 -7.38 19.70
CA VAL A 390 -0.17 -7.78 18.56
C VAL A 390 -0.08 -6.59 17.61
N SER A 391 1.14 -6.23 17.24
CA SER A 391 1.38 -5.14 16.30
C SER A 391 1.89 -5.73 15.00
N THR A 392 1.19 -5.43 13.90
CA THR A 392 1.66 -5.74 12.56
C THR A 392 2.26 -4.51 11.88
N ASP A 393 2.65 -3.51 12.68
CA ASP A 393 3.24 -2.29 12.15
C ASP A 393 4.74 -2.47 12.02
N PRO A 394 5.30 -2.54 10.82
CA PRO A 394 6.75 -2.73 10.67
C PRO A 394 7.57 -1.50 11.01
N ALA A 395 6.94 -0.37 11.33
CA ALA A 395 7.65 0.85 11.65
C ALA A 395 7.99 0.97 13.14
N HIS A 396 7.88 -0.13 13.88
CA HIS A 396 8.16 -0.16 15.32
C HIS A 396 7.23 0.79 16.08
N SER A 397 5.92 0.63 15.87
CA SER A 397 4.97 1.42 16.64
C SER A 397 5.03 1.04 18.11
N LEU A 398 4.67 -0.21 18.42
CA LEU A 398 4.67 -0.67 19.80
C LEU A 398 6.02 -0.42 20.48
N SER A 399 7.11 -0.51 19.71
CA SER A 399 8.42 -0.22 20.28
C SER A 399 8.60 1.25 20.60
N ASP A 400 7.83 2.12 19.95
CA ASP A 400 7.82 3.55 20.27
C ASP A 400 6.64 3.97 21.12
N ALA A 401 5.59 3.14 21.18
CA ALA A 401 4.38 3.50 21.91
C ALA A 401 4.51 3.25 23.40
N PHE A 402 5.07 2.12 23.79
CA PHE A 402 5.39 1.85 25.19
C PHE A 402 6.80 2.29 25.55
N ASP A 403 7.60 2.65 24.55
CA ASP A 403 9.00 3.08 24.71
C ASP A 403 9.85 1.96 25.30
N GLN A 404 9.85 0.80 24.62
CA GLN A 404 10.55 -0.36 25.17
C GLN A 404 11.32 -1.22 24.16
N ASP A 405 11.27 -0.92 22.86
CA ASP A 405 11.87 -1.78 21.83
C ASP A 405 11.41 -3.23 21.99
N LEU A 406 10.11 -3.43 21.79
CA LEU A 406 9.53 -4.77 21.68
C LEU A 406 9.80 -5.28 20.27
N SER A 407 10.90 -5.99 20.10
CA SER A 407 11.37 -6.42 18.79
C SER A 407 11.26 -7.94 18.65
N GLY A 408 11.31 -8.39 17.40
CA GLY A 408 11.13 -9.80 17.10
C GLY A 408 9.68 -10.23 17.24
N GLY A 409 9.44 -11.50 16.92
CA GLY A 409 8.08 -12.00 16.90
C GLY A 409 7.60 -12.55 18.23
N SER A 410 8.50 -13.10 19.03
CA SER A 410 8.09 -13.76 20.26
C SER A 410 7.71 -12.72 21.33
N PRO A 411 6.76 -13.04 22.19
CA PRO A 411 6.25 -12.06 23.16
C PRO A 411 7.35 -11.52 24.08
N VAL A 412 7.11 -10.31 24.60
CA VAL A 412 8.04 -9.63 25.50
C VAL A 412 7.25 -8.97 26.63
N LYS A 413 7.80 -9.00 27.84
CA LYS A 413 7.19 -8.32 28.97
C LYS A 413 7.49 -6.82 28.94
N ILE A 414 6.67 -6.06 29.68
CA ILE A 414 6.56 -4.61 29.58
C ILE A 414 6.89 -4.00 30.94
N THR A 415 7.97 -3.22 31.00
CA THR A 415 8.73 -3.01 32.21
C THR A 415 8.68 -1.60 32.80
N SER A 416 8.05 -0.64 32.16
CA SER A 416 8.17 0.74 32.62
C SER A 416 7.44 1.15 33.91
N PRO A 417 6.30 0.55 34.30
CA PRO A 417 5.52 1.11 35.41
C PRO A 417 6.25 1.03 36.75
N LEU A 418 5.72 1.79 37.71
CA LEU A 418 5.99 1.53 39.11
C LEU A 418 5.54 0.10 39.42
N GLY A 419 6.33 -0.59 40.26
CA GLY A 419 6.12 -2.01 40.49
C GLY A 419 4.68 -2.40 40.71
N ASP A 420 4.10 -3.15 39.78
CA ASP A 420 2.67 -3.44 39.79
C ASP A 420 2.35 -4.51 38.74
N GLU A 421 1.10 -4.97 38.78
CA GLU A 421 0.65 -6.06 37.92
C GLU A 421 0.58 -5.60 36.46
N LEU A 422 1.27 -6.31 35.58
CA LEU A 422 1.17 -6.08 34.14
C LEU A 422 0.77 -7.39 33.49
N PRO A 423 -0.52 -7.62 33.25
CA PRO A 423 -0.94 -8.87 32.60
C PRO A 423 -0.88 -8.86 31.08
N LEU A 424 -0.24 -7.88 30.46
CA LEU A 424 -0.19 -7.81 29.00
C LEU A 424 1.19 -8.13 28.46
N TRP A 425 1.24 -8.44 27.16
CA TRP A 425 2.47 -8.49 26.37
C TRP A 425 2.21 -7.98 24.98
N GLY A 426 3.29 -7.72 24.25
CA GLY A 426 3.19 -7.24 22.88
C GLY A 426 4.21 -7.86 21.95
N LEU A 427 3.73 -8.47 20.86
CA LEU A 427 4.60 -9.06 19.85
C LEU A 427 4.47 -8.29 18.56
N GLN A 428 5.58 -8.12 17.86
CA GLN A 428 5.60 -7.40 16.59
C GLN A 428 5.92 -8.35 15.46
N LEU A 429 5.06 -8.36 14.45
CA LEU A 429 5.24 -9.19 13.27
C LEU A 429 5.45 -8.27 12.07
N ASP A 430 6.68 -8.19 11.59
CA ASP A 430 6.90 -7.73 10.24
C ASP A 430 6.02 -8.54 9.30
N PRO A 431 5.18 -7.91 8.50
CA PRO A 431 4.32 -8.67 7.58
C PRO A 431 5.05 -9.09 6.31
N GLU A 432 6.07 -8.32 5.91
CA GLU A 432 6.93 -8.76 4.81
C GLU A 432 7.77 -9.95 5.25
N GLN A 433 8.23 -9.94 6.50
CA GLN A 433 8.99 -11.06 7.05
C GLN A 433 8.10 -12.27 7.33
N ALA A 434 6.82 -12.04 7.62
CA ALA A 434 5.89 -13.15 7.82
C ALA A 434 5.48 -13.79 6.51
N LYS A 435 5.58 -13.06 5.40
CA LYS A 435 5.26 -13.61 4.08
C LYS A 435 6.40 -14.48 3.57
N ALA A 436 7.61 -13.92 3.52
CA ALA A 436 8.77 -14.70 3.12
C ALA A 436 9.02 -15.87 4.06
N GLU A 437 8.70 -15.70 5.34
CA GLU A 437 8.69 -16.83 6.27
C GLU A 437 7.83 -17.97 5.72
N LEU A 438 6.75 -17.62 5.03
CA LEU A 438 5.78 -18.58 4.54
C LEU A 438 6.17 -19.13 3.18
N ARG A 439 6.55 -18.25 2.25
CA ARG A 439 6.93 -18.69 0.91
C ARG A 439 8.11 -19.64 0.95
N ALA A 440 9.05 -19.41 1.87
CA ALA A 440 10.24 -20.26 1.96
C ALA A 440 9.89 -21.65 2.46
N VAL A 441 8.82 -21.79 3.25
CA VAL A 441 8.42 -23.10 3.74
C VAL A 441 8.08 -24.03 2.58
N LEU A 442 7.47 -23.49 1.52
CA LEU A 442 7.05 -24.29 0.38
C LEU A 442 8.20 -24.69 -0.54
N ALA A 443 9.44 -24.35 -0.21
CA ALA A 443 10.56 -24.76 -1.04
C ALA A 443 10.76 -26.27 -1.03
N ASP A 444 10.23 -26.95 -0.02
CA ASP A 444 10.43 -28.39 0.13
C ASP A 444 9.33 -29.17 -0.59
N THR A 453 9.80 -35.73 -6.20
CA THR A 453 9.24 -36.96 -6.76
C THR A 453 8.44 -36.61 -8.00
N LEU A 454 7.29 -35.95 -7.77
CA LEU A 454 6.56 -35.30 -8.86
C LEU A 454 7.46 -34.33 -9.60
N ASP A 455 8.43 -33.74 -8.90
CA ASP A 455 9.40 -32.85 -9.54
C ASP A 455 10.13 -33.59 -10.65
N GLY A 456 10.64 -34.79 -10.34
CA GLY A 456 11.36 -35.57 -11.34
C GLY A 456 10.56 -35.85 -12.59
N LEU A 457 9.24 -35.98 -12.46
CA LEU A 457 8.42 -36.32 -13.61
C LEU A 457 8.32 -35.15 -14.59
N GLY A 458 8.00 -33.96 -14.06
CA GLY A 458 8.04 -32.78 -14.91
C GLY A 458 9.42 -32.53 -15.48
N LEU A 459 10.44 -32.53 -14.61
CA LEU A 459 11.83 -32.48 -15.03
C LEU A 459 12.20 -33.62 -15.96
N GLY A 460 11.34 -34.65 -16.05
CA GLY A 460 11.63 -35.84 -16.81
C GLY A 460 11.60 -35.68 -18.30
N VAL A 461 11.00 -34.61 -18.82
CA VAL A 461 11.09 -34.28 -20.23
C VAL A 461 12.14 -33.20 -20.48
N ILE A 462 12.20 -32.21 -19.60
CA ILE A 462 13.27 -31.23 -19.58
C ILE A 462 13.14 -30.48 -18.26
N SER A 463 14.25 -29.94 -17.75
CA SER A 463 14.30 -29.46 -16.37
C SER A 463 13.52 -28.16 -16.22
N ASP A 464 12.39 -28.24 -15.51
CA ASP A 464 11.49 -27.11 -15.33
C ASP A 464 11.00 -26.90 -13.89
N GLN A 465 11.45 -27.67 -12.93
CA GLN A 465 11.03 -27.53 -11.61
C GLN A 465 11.34 -26.18 -10.94
N LEU A 466 12.51 -25.72 -11.16
CA LEU A 466 12.88 -24.47 -10.64
C LEU A 466 11.96 -23.35 -11.14
N LYS A 467 11.53 -23.41 -12.40
CA LYS A 467 10.71 -22.32 -12.94
C LYS A 467 9.30 -22.33 -12.37
N ASP A 468 8.65 -23.50 -12.37
CA ASP A 468 7.23 -23.55 -12.05
C ASP A 468 6.98 -23.33 -10.56
N LEU A 469 7.84 -23.89 -9.70
CA LEU A 469 7.71 -23.63 -8.27
C LEU A 469 7.64 -22.14 -8.00
N GLN A 470 8.61 -21.38 -8.53
CA GLN A 470 8.57 -19.92 -8.39
C GLN A 470 7.33 -19.34 -9.06
N LEU A 471 6.91 -19.91 -10.20
CA LEU A 471 5.72 -19.41 -10.88
C LEU A 471 4.43 -19.89 -10.27
N GLY A 472 4.46 -20.95 -9.45
CA GLY A 472 3.29 -21.26 -8.65
C GLY A 472 3.02 -20.17 -7.63
N GLU A 473 4.06 -19.49 -7.19
CA GLU A 473 3.96 -18.36 -6.28
C GLU A 473 3.52 -17.09 -6.99
N LEU A 474 3.53 -17.07 -8.32
CA LEU A 474 3.00 -15.91 -9.00
C LEU A 474 1.50 -15.79 -8.76
N LEU A 475 0.89 -16.82 -8.18
CA LEU A 475 -0.50 -16.81 -7.77
C LEU A 475 -0.67 -16.71 -6.24
N ASP A 476 0.38 -16.33 -5.49
CA ASP A 476 0.15 -16.01 -4.08
C ASP A 476 0.54 -14.57 -3.71
N THR A 477 1.35 -13.88 -4.52
CA THR A 477 1.55 -12.43 -4.50
C THR A 477 0.39 -11.59 -5.08
N PRO A 478 -0.41 -12.08 -6.04
CA PRO A 478 -1.52 -11.24 -6.60
C PRO A 478 -2.32 -10.50 -5.54
N PRO A 479 -2.67 -11.11 -4.41
CA PRO A 479 -3.50 -10.41 -3.42
C PRO A 479 -2.86 -9.11 -2.93
N PRO A 480 -3.66 -8.05 -2.74
CA PRO A 480 -3.09 -6.72 -2.47
C PRO A 480 -2.56 -6.49 -1.06
N GLY A 481 -3.25 -7.00 -0.04
CA GLY A 481 -2.90 -6.71 1.34
C GLY A 481 -2.80 -7.91 2.24
N VAL A 482 -2.23 -9.00 1.72
CA VAL A 482 -2.26 -10.29 2.42
C VAL A 482 -1.07 -10.52 3.35
N ASP A 483 0.05 -9.81 3.14
CA ASP A 483 1.27 -10.04 3.92
C ASP A 483 0.99 -10.08 5.41
N GLU A 484 0.03 -9.27 5.85
CA GLU A 484 -0.32 -9.13 7.26
C GLU A 484 -1.31 -10.18 7.72
N ALA A 485 -2.29 -10.53 6.88
CA ALA A 485 -3.18 -11.63 7.21
C ALA A 485 -2.39 -12.88 7.55
N ILE A 486 -1.25 -13.08 6.90
CA ILE A 486 -0.31 -14.12 7.31
C ILE A 486 0.08 -13.93 8.77
N ALA A 487 0.48 -12.70 9.13
CA ALA A 487 0.89 -12.43 10.49
C ALA A 487 -0.25 -12.64 11.49
N ILE A 488 -1.50 -12.47 11.06
CA ILE A 488 -2.61 -12.66 11.97
C ILE A 488 -2.90 -14.12 12.19
N ALA A 489 -3.02 -14.91 11.11
CA ALA A 489 -3.32 -16.32 11.27
C ALA A 489 -2.19 -17.07 11.97
N LYS A 490 -0.98 -16.52 11.96
CA LYS A 490 0.10 -17.10 12.74
C LYS A 490 -0.23 -17.15 14.22
N VAL A 491 -0.80 -16.06 14.75
CA VAL A 491 -1.09 -15.99 16.17
C VAL A 491 -2.48 -16.50 16.54
N VAL A 492 -3.39 -16.62 15.57
CA VAL A 492 -4.63 -17.33 15.80
C VAL A 492 -4.34 -18.75 16.30
N GLN A 493 -3.53 -19.48 15.55
CA GLN A 493 -3.14 -20.85 15.88
C GLN A 493 -2.28 -20.93 17.15
N PHE A 494 -1.77 -19.81 17.64
CA PHE A 494 -1.01 -19.84 18.87
C PHE A 494 -1.86 -20.19 20.08
N LEU A 495 -3.16 -20.39 19.91
CA LEU A 495 -3.99 -20.94 20.97
C LEU A 495 -3.51 -22.37 21.25
N LYS A 496 -2.84 -22.54 22.38
CA LYS A 496 -2.16 -23.77 22.76
C LYS A 496 -1.80 -23.65 24.23
N ALA A 497 -1.62 -24.80 24.88
CA ALA A 497 -1.30 -24.88 26.30
C ALA A 497 -0.26 -23.85 26.74
N PRO A 498 0.77 -23.54 25.94
CA PRO A 498 1.68 -22.45 26.35
C PRO A 498 1.00 -21.09 26.49
N GLU A 499 -0.11 -20.84 25.78
CA GLU A 499 -0.76 -19.53 25.84
C GLU A 499 -2.27 -19.63 26.06
N TYR A 500 -2.87 -20.74 25.63
CA TYR A 500 -4.32 -20.95 25.76
C TYR A 500 -4.80 -20.65 27.17
N SER A 501 -3.95 -20.90 28.17
CA SER A 501 -4.25 -20.55 29.55
C SER A 501 -3.82 -19.13 29.91
N HIS A 502 -2.83 -18.58 29.21
CA HIS A 502 -2.16 -17.37 29.66
C HIS A 502 -2.98 -16.12 29.38
N PHE A 503 -3.56 -16.02 28.19
CA PHE A 503 -4.24 -14.80 27.76
C PHE A 503 -5.75 -15.02 27.73
N LYS A 504 -6.50 -14.01 28.13
CA LYS A 504 -7.95 -14.03 28.00
C LYS A 504 -8.45 -13.12 26.88
N ARG A 505 -8.01 -11.88 26.80
CA ARG A 505 -8.44 -10.98 25.74
C ARG A 505 -7.21 -10.57 24.93
N ILE A 506 -7.36 -10.42 23.61
CA ILE A 506 -6.24 -9.91 22.82
C ILE A 506 -6.73 -8.86 21.85
N VAL A 507 -5.83 -7.93 21.52
CA VAL A 507 -6.15 -6.73 20.75
C VAL A 507 -5.09 -6.54 19.67
N PHE A 508 -5.54 -6.36 18.43
CA PHE A 508 -4.67 -6.25 17.27
C PHE A 508 -4.47 -4.80 16.87
N ASP A 509 -3.32 -4.53 16.25
CA ASP A 509 -2.96 -3.21 15.74
C ASP A 509 -2.60 -3.39 14.27
N THR A 510 -3.59 -3.24 13.39
CA THR A 510 -3.32 -3.36 11.95
C THR A 510 -2.37 -2.26 11.50
N ALA A 511 -1.63 -2.53 10.44
CA ALA A 511 -0.67 -1.57 9.93
C ALA A 511 -1.41 -0.40 9.27
N PRO A 512 -0.76 0.77 9.21
CA PRO A 512 -1.42 1.96 8.63
C PRO A 512 -1.64 1.88 7.13
N THR A 513 -2.38 0.88 6.67
CA THR A 513 -2.69 0.74 5.25
C THR A 513 -4.11 0.23 5.12
N GLY A 514 -4.46 -0.21 3.93
CA GLY A 514 -5.70 -0.93 3.71
C GLY A 514 -5.57 -2.40 4.06
N HIS A 515 -5.38 -2.71 5.33
CA HIS A 515 -5.66 -4.06 5.81
C HIS A 515 -7.10 -4.44 5.49
N THR A 516 -8.04 -3.58 5.85
CA THR A 516 -9.42 -4.00 5.98
C THR A 516 -10.00 -4.35 4.62
N LEU A 517 -10.41 -5.61 4.48
CA LEU A 517 -10.95 -6.14 3.25
C LEU A 517 -12.47 -6.24 3.41
N ARG A 518 -13.18 -5.41 2.66
CA ARG A 518 -14.61 -5.22 2.79
C ARG A 518 -15.43 -6.08 1.83
N LEU A 519 -14.78 -6.74 0.88
CA LEU A 519 -15.48 -7.64 -0.02
C LEU A 519 -15.03 -9.07 0.27
N LEU A 520 -15.96 -10.01 0.08
CA LEU A 520 -15.82 -11.38 0.54
C LEU A 520 -14.85 -12.15 -0.38
N SER A 521 -13.58 -11.75 -0.32
CA SER A 521 -12.53 -12.50 -0.99
C SER A 521 -11.94 -13.58 -0.10
N LEU A 522 -12.35 -13.64 1.17
CA LEU A 522 -11.93 -14.69 2.08
C LEU A 522 -12.18 -16.08 1.50
N PRO A 523 -13.41 -16.45 1.13
CA PRO A 523 -13.64 -17.82 0.68
C PRO A 523 -12.96 -18.16 -0.63
N ASP A 524 -12.73 -17.17 -1.50
CA ASP A 524 -12.11 -17.46 -2.79
C ASP A 524 -10.59 -17.34 -2.78
N PHE A 525 -10.01 -16.60 -1.84
CA PHE A 525 -8.59 -16.82 -1.58
C PHE A 525 -8.41 -18.14 -0.86
N LEU A 526 -9.46 -18.60 -0.17
CA LEU A 526 -9.37 -19.84 0.56
C LEU A 526 -9.56 -20.99 -0.46
N ASP A 527 -10.49 -20.81 -1.42
CA ASP A 527 -10.71 -21.85 -2.41
C ASP A 527 -9.50 -22.02 -3.32
N ALA A 528 -8.88 -20.92 -3.74
CA ALA A 528 -7.63 -20.99 -4.48
C ALA A 528 -6.67 -21.95 -3.80
N SER A 529 -6.64 -21.91 -2.47
CA SER A 529 -5.80 -22.85 -1.71
C SER A 529 -6.30 -24.28 -1.86
N ILE A 530 -7.61 -24.50 -1.73
CA ILE A 530 -8.15 -25.85 -1.94
C ILE A 530 -7.99 -26.25 -3.40
N GLY A 531 -8.34 -25.36 -4.32
CA GLY A 531 -8.16 -25.64 -5.73
C GLY A 531 -6.77 -26.17 -6.05
N LYS A 532 -5.76 -25.65 -5.37
CA LYS A 532 -4.40 -26.11 -5.59
C LYS A 532 -3.98 -27.24 -4.66
N LEU A 533 -4.51 -27.30 -3.43
CA LEU A 533 -4.23 -28.44 -2.58
C LEU A 533 -5.08 -29.66 -2.94
N VAL A 534 -6.10 -29.49 -3.77
CA VAL A 534 -6.80 -30.64 -4.33
C VAL A 534 -6.21 -31.03 -5.68
N ARG A 535 -5.72 -30.05 -6.45
CA ARG A 535 -5.08 -30.37 -7.73
C ARG A 535 -3.78 -31.14 -7.54
N LEU A 536 -3.04 -30.88 -6.46
CA LEU A 536 -1.78 -31.60 -6.27
C LEU A 536 -2.00 -33.00 -5.73
N ARG A 537 -3.05 -33.20 -4.92
CA ARG A 537 -3.43 -34.55 -4.51
C ARG A 537 -3.80 -35.42 -5.71
N GLN A 538 -4.16 -34.79 -6.83
CA GLN A 538 -4.54 -35.54 -8.03
C GLN A 538 -3.32 -36.07 -8.77
N LYS A 539 -2.20 -35.36 -8.73
CA LYS A 539 -0.97 -35.84 -9.34
C LYS A 539 -0.06 -36.55 -8.36
N LEU A 540 -0.28 -36.40 -7.05
CA LEU A 540 0.52 -37.15 -6.10
C LEU A 540 0.13 -38.62 -6.07
N SER A 541 -1.15 -38.93 -6.27
CA SER A 541 -1.59 -40.32 -6.27
C SER A 541 -1.30 -41.04 -7.60
N ALA A 542 -0.82 -40.32 -8.61
CA ALA A 542 -0.61 -40.90 -9.93
C ALA A 542 0.84 -41.29 -10.20
N ALA A 543 1.79 -40.72 -9.47
CA ALA A 543 3.21 -40.97 -9.71
C ALA A 543 3.68 -42.32 -9.19
N THR A 544 2.78 -43.20 -8.75
CA THR A 544 3.14 -44.54 -8.31
C THR A 544 2.00 -45.52 -8.58
N ALA A 562 4.13 -32.18 1.82
CA ALA A 562 3.55 -32.22 0.48
C ALA A 562 2.28 -31.39 0.40
N VAL A 563 1.14 -32.06 0.34
CA VAL A 563 -0.13 -31.36 0.23
C VAL A 563 -0.71 -31.05 1.60
N LYS A 564 -0.60 -31.97 2.55
CA LYS A 564 -0.90 -31.62 3.94
C LYS A 564 -0.05 -30.47 4.43
N ARG A 565 1.02 -30.11 3.69
CA ARG A 565 1.72 -28.85 3.94
C ARG A 565 0.84 -27.66 3.62
N LEU A 566 0.02 -27.76 2.58
CA LEU A 566 -1.03 -26.78 2.31
C LEU A 566 -2.25 -26.99 3.18
N GLU A 567 -2.35 -28.13 3.87
CA GLU A 567 -3.42 -28.33 4.84
C GLU A 567 -3.17 -27.50 6.09
N ALA A 568 -1.90 -27.29 6.46
CA ALA A 568 -1.57 -26.38 7.55
C ALA A 568 -2.04 -24.96 7.22
N LEU A 569 -1.82 -24.52 5.98
CA LEU A 569 -2.32 -23.21 5.57
C LEU A 569 -3.84 -23.21 5.44
N GLN A 570 -4.44 -24.37 5.19
CA GLN A 570 -5.89 -24.41 4.98
C GLN A 570 -6.64 -24.22 6.29
N ALA A 571 -6.21 -24.91 7.35
CA ALA A 571 -6.91 -24.80 8.63
C ALA A 571 -6.57 -23.52 9.37
N SER A 572 -5.37 -22.97 9.15
CA SER A 572 -4.96 -21.76 9.86
C SER A 572 -5.78 -20.56 9.43
N GLU A 574 -8.75 -20.83 7.90
CA GLU A 574 -10.06 -21.20 8.43
C GLU A 574 -10.13 -21.04 9.94
N ASP A 575 -9.00 -21.11 10.63
CA ASP A 575 -8.99 -20.78 12.05
C ASP A 575 -8.99 -19.27 12.25
N ALA A 576 -8.34 -18.54 11.36
CA ALA A 576 -8.45 -17.08 11.38
C ALA A 576 -9.85 -16.63 11.01
N LYS A 577 -10.36 -17.11 9.86
CA LYS A 577 -11.72 -16.76 9.46
C LYS A 577 -12.75 -17.16 10.50
N ALA A 578 -12.46 -18.17 11.31
CA ALA A 578 -13.40 -18.56 12.36
C ALA A 578 -13.56 -17.46 13.40
N PHE A 580 -13.20 -14.31 12.74
CA PHE A 580 -13.60 -13.05 12.13
C PHE A 580 -15.11 -12.85 12.16
N ARG A 581 -15.88 -13.88 11.84
CA ARG A 581 -17.34 -13.81 11.91
C ARG A 581 -17.86 -14.32 13.25
N ASN A 582 -16.98 -14.42 14.25
CA ASN A 582 -17.35 -14.68 15.64
C ASN A 582 -18.06 -13.48 16.22
N GLN A 583 -19.36 -13.63 16.53
CA GLN A 583 -20.11 -12.49 17.03
C GLN A 583 -19.89 -12.26 18.52
N GLN A 584 -19.70 -13.33 19.30
CA GLN A 584 -19.61 -13.18 20.75
C GLN A 584 -18.23 -12.69 21.19
N THR A 585 -17.16 -13.35 20.73
CA THR A 585 -15.82 -13.08 21.22
C THR A 585 -15.08 -12.00 20.46
N THR A 586 -15.44 -11.74 19.21
CA THR A 586 -14.67 -10.86 18.36
C THR A 586 -15.48 -9.65 17.93
N GLU A 587 -14.85 -8.48 17.98
CA GLU A 587 -15.45 -7.27 17.46
C GLU A 587 -14.32 -6.32 17.06
N PHE A 588 -14.68 -5.32 16.27
CA PHE A 588 -13.70 -4.52 15.55
C PHE A 588 -13.83 -3.05 15.93
N ILE A 589 -12.79 -2.30 15.58
CA ILE A 589 -12.64 -0.89 15.93
C ILE A 589 -11.94 -0.19 14.78
N ILE A 590 -12.47 0.94 14.35
CA ILE A 590 -11.94 1.67 13.20
C ILE A 590 -11.68 3.11 13.62
N VAL A 591 -10.44 3.55 13.50
CA VAL A 591 -9.97 4.81 14.08
C VAL A 591 -9.81 5.83 12.96
N THR A 592 -10.33 7.04 13.17
CA THR A 592 -10.39 8.05 12.11
C THR A 592 -10.24 9.45 12.70
N ILE A 593 -10.19 10.43 11.81
CA ILE A 593 -9.97 11.84 12.15
C ILE A 593 -11.15 12.64 11.61
N PRO A 594 -11.43 13.83 12.18
CA PRO A 594 -12.52 14.66 11.66
C PRO A 594 -12.30 15.31 10.29
N THR A 595 -11.21 15.06 9.58
CA THR A 595 -11.14 15.59 8.23
C THR A 595 -12.22 14.90 7.38
N VAL A 596 -13.16 15.70 6.86
CA VAL A 596 -14.41 15.15 6.34
C VAL A 596 -14.14 14.11 5.25
N ALA A 598 -11.49 12.03 4.97
CA ALA A 598 -11.12 10.81 5.68
C ALA A 598 -12.25 10.25 6.52
N THR A 599 -13.31 11.02 6.74
CA THR A 599 -14.42 10.55 7.56
C THR A 599 -15.39 9.70 6.74
N ALA A 600 -15.95 10.26 5.67
CA ALA A 600 -16.82 9.48 4.80
C ALA A 600 -16.11 8.25 4.27
N GLU A 601 -14.79 8.35 4.02
CA GLU A 601 -14.00 7.17 3.72
C GLU A 601 -14.11 6.13 4.82
N SER A 602 -14.14 6.57 6.08
CA SER A 602 -14.29 5.65 7.19
C SER A 602 -15.69 5.09 7.29
N CYS A 603 -16.66 5.70 6.60
CA CYS A 603 -17.97 5.09 6.42
C CYS A 603 -18.05 4.30 5.13
N ARG A 604 -17.42 4.80 4.08
CA ARG A 604 -17.28 4.07 2.83
C ARG A 604 -16.80 2.64 3.08
N LEU A 605 -15.96 2.46 4.11
CA LEU A 605 -15.48 1.16 4.52
C LEU A 605 -16.31 0.55 5.64
N ALA A 606 -16.96 1.37 6.47
CA ALA A 606 -17.83 0.84 7.51
C ALA A 606 -19.00 0.08 6.89
N SER A 607 -19.80 0.77 6.06
CA SER A 607 -21.04 0.19 5.56
C SER A 607 -20.78 -1.00 4.67
N ALA A 608 -19.66 -1.03 3.94
CA ALA A 608 -19.35 -2.17 3.09
C ALA A 608 -18.86 -3.35 3.93
N LEU A 609 -18.02 -3.09 4.93
CA LEU A 609 -17.56 -4.12 5.84
C LEU A 609 -18.68 -4.68 6.71
N GLN A 610 -19.81 -3.98 6.80
CA GLN A 610 -20.91 -4.48 7.62
C GLN A 610 -21.57 -5.70 6.97
N HIS A 611 -22.10 -5.54 5.76
CA HIS A 611 -22.78 -6.67 5.13
C HIS A 611 -21.81 -7.75 4.69
N GLU A 612 -20.51 -7.48 4.68
CA GLU A 612 -19.51 -8.55 4.63
C GLU A 612 -19.69 -9.53 5.77
N GLY A 613 -20.13 -9.04 6.94
CA GLY A 613 -20.45 -9.87 8.08
C GLY A 613 -19.60 -9.60 9.31
N ILE A 614 -18.39 -9.08 9.12
CA ILE A 614 -17.46 -8.90 10.24
C ILE A 614 -18.07 -7.96 11.27
N PRO A 615 -18.12 -8.33 12.55
CA PRO A 615 -18.69 -7.42 13.55
C PRO A 615 -17.77 -6.24 13.84
N LEU A 616 -18.13 -5.08 13.28
CA LEU A 616 -17.39 -3.83 13.45
C LEU A 616 -18.27 -2.96 14.33
N LYS A 617 -18.00 -2.95 15.63
CA LYS A 617 -18.94 -2.42 16.59
C LYS A 617 -18.61 -1.03 17.09
N THR A 618 -17.43 -0.48 16.76
CA THR A 618 -17.06 0.83 17.26
C THR A 618 -16.24 1.57 16.21
N ILE A 619 -16.45 2.89 16.11
CA ILE A 619 -15.57 3.78 15.39
C ILE A 619 -15.03 4.81 16.38
N ILE A 620 -13.76 5.15 16.24
CA ILE A 620 -13.11 6.14 17.09
C ILE A 620 -12.66 7.32 16.23
N VAL A 621 -12.91 8.53 16.73
CA VAL A 621 -12.49 9.75 16.05
C VAL A 621 -11.41 10.40 16.91
N ASN A 622 -10.15 10.05 16.66
CA ASN A 622 -9.12 10.18 17.70
C ASN A 622 -8.60 11.61 17.89
N GLN A 623 -8.61 12.46 16.86
CA GLN A 623 -7.93 13.75 16.96
C GLN A 623 -8.92 14.87 16.71
N VAL A 624 -9.54 15.36 17.78
CA VAL A 624 -10.60 16.35 17.70
C VAL A 624 -10.12 17.58 18.47
N VAL A 625 -9.66 18.59 17.74
CA VAL A 625 -9.31 19.87 18.40
C VAL A 625 -10.55 20.50 19.01
N GLN A 626 -10.35 21.35 20.10
CA GLN A 626 -11.59 21.77 20.61
C GLN A 626 -11.34 23.29 20.58
N ALA A 627 -12.41 24.12 20.53
CA ALA A 627 -12.28 25.55 20.21
C ALA A 627 -11.83 26.40 21.39
N ASN A 628 -12.19 26.03 22.61
CA ASN A 628 -11.76 26.80 23.77
C ASN A 628 -10.25 26.94 23.83
N ALA A 629 -9.53 25.91 23.40
CA ALA A 629 -8.07 25.99 23.26
C ALA A 629 -7.65 25.89 21.81
N THR A 630 -8.47 26.48 20.91
CA THR A 630 -8.07 26.58 19.51
C THR A 630 -6.75 27.32 19.35
N ASP A 631 -6.46 28.27 20.25
CA ASP A 631 -5.21 29.01 20.16
C ASP A 631 -4.01 28.09 20.35
N LYS A 632 -4.08 27.18 21.33
CA LYS A 632 -2.97 26.28 21.59
C LYS A 632 -2.74 25.32 20.42
N PHE A 633 -3.82 24.87 19.77
CA PHE A 633 -3.67 23.98 18.63
C PHE A 633 -2.84 24.63 17.53
N LEU A 634 -3.21 25.84 17.12
CA LEU A 634 -2.37 26.60 16.19
C LEU A 634 -0.94 26.71 16.71
N THR A 635 -0.79 27.17 17.96
CA THR A 635 0.53 27.38 18.53
C THR A 635 1.34 26.10 18.56
N ALA A 636 0.67 24.95 18.70
CA ALA A 636 1.37 23.67 18.73
C ALA A 636 1.77 23.22 17.33
N ARG A 637 0.79 23.13 16.42
CA ARG A 637 1.08 22.63 15.08
C ARG A 637 2.07 23.53 14.35
N ARG A 638 2.05 24.83 14.65
CA ARG A 638 3.05 25.73 14.09
C ARG A 638 4.46 25.29 14.49
N ALA A 639 4.62 24.84 15.73
CA ALA A 639 5.94 24.41 16.20
C ALA A 639 6.31 23.04 15.65
N ASP A 640 5.38 22.07 15.75
CA ASP A 640 5.58 20.75 15.18
C ASP A 640 6.09 20.83 13.75
N GLN A 641 5.81 21.92 13.05
CA GLN A 641 6.35 22.15 11.72
C GLN A 641 7.82 22.54 11.77
N ALA A 642 8.12 23.71 12.35
CA ALA A 642 9.50 24.20 12.34
C ALA A 642 10.40 23.38 13.25
N ARG A 643 9.81 22.68 14.21
CA ARG A 643 10.56 21.69 14.99
C ARG A 643 11.00 20.54 14.11
N ALA A 644 10.15 20.14 13.16
CA ALA A 644 10.51 19.08 12.24
C ALA A 644 11.32 19.60 11.06
N LEU A 645 11.12 20.85 10.66
CA LEU A 645 12.00 21.46 9.67
C LEU A 645 13.44 21.44 10.14
N HIS A 646 13.65 21.60 11.44
CA HIS A 646 14.98 21.46 12.02
C HIS A 646 15.55 20.07 11.79
N HIS A 647 14.71 19.05 11.96
CA HIS A 647 15.16 17.67 11.83
C HIS A 647 15.59 17.35 10.41
N LEU A 648 14.97 18.00 9.41
CA LEU A 648 15.41 17.86 8.03
C LEU A 648 16.67 18.68 7.76
N GLU A 649 16.69 19.94 8.19
CA GLU A 649 17.88 20.76 8.03
C GLU A 649 19.09 20.11 8.70
N GLU A 650 18.87 19.33 9.74
CA GLU A 650 19.93 18.54 10.35
C GLU A 650 19.79 17.09 9.85
N ASP A 651 20.21 16.88 8.59
CA ASP A 651 20.29 15.55 7.99
C ASP A 651 21.70 15.37 7.44
N THR A 652 22.64 15.05 8.34
CA THR A 652 23.98 14.56 7.99
C THR A 652 24.74 15.43 7.01
N GLY A 653 24.21 16.60 6.66
CA GLY A 653 24.78 17.39 5.60
C GLY A 653 24.48 16.81 4.24
N PRO A 654 25.22 17.26 3.22
CA PRO A 654 24.87 16.96 1.83
C PRO A 654 25.33 15.61 1.25
N ASP A 655 25.67 14.60 2.06
CA ASP A 655 26.28 13.42 1.46
C ASP A 655 25.31 12.63 0.59
N GLY A 656 24.34 12.00 1.25
CA GLY A 656 23.34 11.18 0.60
C GLY A 656 21.96 11.73 0.86
N LEU A 657 21.20 11.07 1.73
CA LEU A 657 19.99 11.69 2.28
C LEU A 657 20.35 13.10 2.75
N ALA A 658 19.62 14.09 2.26
CA ALA A 658 20.21 15.42 2.20
C ALA A 658 19.27 16.52 2.69
N SER A 659 19.89 17.70 2.77
CA SER A 659 19.29 19.03 2.82
C SER A 659 19.45 19.73 1.47
N LEU A 660 19.22 18.98 0.40
CA LEU A 660 19.64 19.32 -0.97
C LEU A 660 19.08 20.66 -1.45
N GLN A 661 17.76 20.79 -1.58
CA GLN A 661 17.15 22.01 -2.09
C GLN A 661 15.68 22.03 -1.69
N LEU A 662 15.29 23.03 -0.90
CA LEU A 662 14.01 23.03 -0.20
C LEU A 662 13.00 23.97 -0.85
N ILE A 663 11.76 23.51 -0.91
CA ILE A 663 10.65 24.29 -1.45
C ILE A 663 9.54 24.25 -0.40
N LYS A 664 9.27 25.40 0.22
CA LYS A 664 8.19 25.49 1.19
C LYS A 664 6.90 25.90 0.48
N ALA A 665 5.83 25.14 0.69
CA ALA A 665 4.55 25.40 0.06
C ALA A 665 3.51 25.78 1.10
N PRO A 666 2.96 26.99 1.05
CA PRO A 666 2.00 27.42 2.06
C PRO A 666 0.73 26.57 2.07
N LEU A 667 -0.10 26.84 3.07
CA LEU A 667 -1.27 26.01 3.37
C LEU A 667 -2.33 26.13 2.29
N CYS A 668 -2.88 24.99 1.86
CA CYS A 668 -3.87 24.94 0.79
C CYS A 668 -5.23 25.41 1.32
N ASP A 669 -5.34 26.73 1.51
CA ASP A 669 -6.55 27.30 2.09
C ASP A 669 -7.74 27.25 1.14
N LEU A 670 -7.49 27.14 -0.17
CA LEU A 670 -8.53 27.13 -1.18
C LEU A 670 -8.49 25.82 -1.96
N GLU A 671 -9.63 25.46 -2.54
CA GLU A 671 -9.64 24.43 -3.55
C GLU A 671 -8.84 24.90 -4.76
N VAL A 672 -7.92 24.05 -5.21
CA VAL A 672 -7.07 24.34 -6.35
C VAL A 672 -7.65 23.73 -7.62
N ARG A 673 -8.95 23.42 -7.60
CA ARG A 673 -9.58 22.65 -8.66
C ARG A 673 -9.57 23.38 -10.00
N GLY A 674 -9.53 24.72 -10.00
CA GLY A 674 -9.56 25.45 -11.25
C GLY A 674 -8.18 25.51 -11.91
N VAL A 675 -8.18 25.44 -13.25
CA VAL A 675 -6.95 25.65 -14.01
C VAL A 675 -6.30 26.98 -13.70
N PRO A 676 -7.02 28.09 -13.46
CA PRO A 676 -6.30 29.30 -13.07
C PRO A 676 -5.72 29.19 -11.66
N ALA A 677 -6.46 28.59 -10.73
CA ALA A 677 -5.95 28.39 -9.37
C ALA A 677 -4.60 27.71 -9.39
N LEU A 678 -4.43 26.72 -10.28
CA LEU A 678 -3.13 26.05 -10.40
C LEU A 678 -2.07 27.00 -10.92
N SER A 679 -2.43 27.87 -11.86
CA SER A 679 -1.50 28.90 -12.30
C SER A 679 -1.10 29.81 -11.15
N TYR A 680 -2.03 30.07 -10.23
CA TYR A 680 -1.73 30.87 -9.05
C TYR A 680 -0.90 30.09 -8.05
N PHE A 681 -1.42 28.94 -7.61
CA PHE A 681 -0.69 28.05 -6.70
C PHE A 681 0.70 27.73 -7.23
N GLY A 682 0.89 27.77 -8.56
CA GLY A 682 2.19 27.48 -9.13
C GLY A 682 3.16 28.63 -9.11
N ASN A 683 2.68 29.85 -9.23
CA ASN A 683 3.61 30.97 -9.09
C ASN A 683 3.89 31.31 -7.64
N VAL A 684 3.06 30.83 -6.71
CA VAL A 684 3.37 30.97 -5.29
C VAL A 684 4.54 30.06 -4.91
N VAL A 685 4.52 28.82 -5.39
CA VAL A 685 5.47 27.80 -4.94
C VAL A 685 6.74 27.81 -5.79
N TRP A 686 6.61 27.90 -7.10
CA TRP A 686 7.75 27.86 -7.99
C TRP A 686 8.23 29.25 -8.36
#